data_5LC0
#
_entry.id   5LC0
#
_cell.length_a   125.808
_cell.length_b   125.808
_cell.length_c   73.461
_cell.angle_alpha   90.00
_cell.angle_beta   90.00
_cell.angle_gamma   120.00
#
_symmetry.space_group_name_H-M   'P 32 2 1'
#
loop_
_entity.id
_entity.type
_entity.pdbx_description
1 polymer 'NS2B-NS3 protease,NS2B-NS3 protease'
2 non-polymer N-((S)-3-(4-(aminomethyl)phenyl)-1-(((R)-4-guanidino-1-(5-hydroxy-1,3,2-dioxaborinan-2-yl)butyl)amino)-1-oxopropan-2-yl)benzamide
3 water water
#
_entity_poly.entity_id   1
_entity_poly.type   'polypeptide(L)'
_entity_poly.pdbx_seq_one_letter_code
;GSHMVDMYIERAGDITWEKDAEVTGNSPRLDVALDESGDFSLVEDDGPPMAGGGGSGGGGSGALWDVPAPKEVKKGETTD
GVYRVMTRGLLGSTQVGVGVMQEGVFHTMWHVTKGSALRSGEGRLDPYWGDVKQDLVSYCGPWKLDAAWDGHSEVQLLAV
PPGERARNIQTLPGIFKTKDGDIGAVALDYPAGTSGSPILDKCGRVIGLYGNGVVIKNGSYVSAITQGRR
;
_entity_poly.pdbx_strand_id   A,B
#
# COMPACT_ATOMS: atom_id res chain seq x y z
N MET A 4 12.59 7.33 17.22
CA MET A 4 13.51 6.38 17.92
C MET A 4 13.58 5.00 17.24
N VAL A 5 12.41 4.47 16.88
CA VAL A 5 12.17 3.18 16.22
C VAL A 5 10.63 3.18 16.03
N ASP A 6 10.15 3.93 15.03
CA ASP A 6 8.73 4.15 14.76
C ASP A 6 7.91 2.89 14.82
N MET A 7 8.44 1.88 14.14
CA MET A 7 7.64 0.78 13.68
C MET A 7 7.68 -0.30 14.73
N TYR A 8 6.54 -0.93 14.95
CA TYR A 8 6.43 -1.95 15.99
C TYR A 8 5.30 -2.79 15.64
N ILE A 9 5.15 -3.90 16.35
CA ILE A 9 4.07 -4.90 16.13
C ILE A 9 3.32 -5.20 17.44
N GLU A 10 2.10 -5.71 17.34
CA GLU A 10 1.25 -5.96 18.49
C GLU A 10 0.50 -7.25 18.21
N ARG A 11 0.56 -8.23 19.10
CA ARG A 11 -0.13 -9.49 18.89
C ARG A 11 -1.64 -9.27 18.85
N ALA A 12 -2.34 -10.17 18.15
CA ALA A 12 -3.77 -10.08 18.04
C ALA A 12 -4.52 -11.39 18.17
N GLY A 13 -3.86 -12.50 18.44
CA GLY A 13 -4.58 -13.73 18.67
C GLY A 13 -3.95 -14.88 17.96
N ASP A 14 -4.68 -15.98 18.00
CA ASP A 14 -4.16 -17.24 17.57
C ASP A 14 -4.51 -17.49 16.16
N ILE A 15 -3.58 -18.11 15.46
CA ILE A 15 -3.88 -18.62 14.15
C ILE A 15 -4.70 -19.85 14.44
N THR A 16 -5.96 -19.90 14.01
CA THR A 16 -6.72 -21.15 14.06
C THR A 16 -7.61 -21.25 12.84
N TRP A 17 -7.96 -22.48 12.47
CA TRP A 17 -9.04 -22.70 11.51
C TRP A 17 -10.34 -22.53 12.26
N GLU A 18 -11.39 -22.10 11.56
CA GLU A 18 -12.68 -21.85 12.22
C GLU A 18 -13.81 -22.39 11.36
N LYS A 19 -14.22 -23.63 11.61
CA LYS A 19 -15.31 -24.24 10.85
C LYS A 19 -16.63 -23.58 11.24
N ASP A 20 -17.63 -23.72 10.36
CA ASP A 20 -18.79 -22.83 10.33
C ASP A 20 -18.33 -21.37 10.19
N ALA A 21 -17.48 -21.13 9.20
CA ALA A 21 -17.11 -19.78 8.79
C ALA A 21 -18.00 -19.36 7.62
N GLU A 22 -18.11 -18.04 7.42
CA GLU A 22 -18.73 -17.49 6.21
C GLU A 22 -17.88 -17.84 4.99
N VAL A 23 -18.53 -18.28 3.93
CA VAL A 23 -17.86 -18.87 2.76
C VAL A 23 -18.25 -18.09 1.51
N THR A 24 -17.27 -17.77 0.67
CA THR A 24 -17.48 -16.80 -0.41
C THR A 24 -16.30 -16.67 -1.37
N GLY A 25 -16.52 -15.89 -2.43
CA GLY A 25 -15.49 -15.55 -3.41
C GLY A 25 -15.50 -16.41 -4.66
N ASN A 26 -14.87 -15.89 -5.71
CA ASN A 26 -14.73 -16.60 -6.98
C ASN A 26 -13.47 -17.45 -6.97
N SER A 27 -13.27 -18.19 -8.05
CA SER A 27 -12.07 -19.00 -8.28
C SER A 27 -11.58 -18.78 -9.72
N PRO A 28 -10.99 -17.61 -9.99
CA PRO A 28 -10.40 -17.35 -11.31
C PRO A 28 -9.06 -18.07 -11.57
N ARG A 29 -9.08 -19.03 -12.50
CA ARG A 29 -7.87 -19.52 -13.19
C ARG A 29 -7.48 -18.44 -14.19
N LEU A 30 -6.29 -17.85 -14.03
CA LEU A 30 -5.90 -16.64 -14.76
C LEU A 30 -4.46 -16.72 -15.25
N ASP A 31 -4.09 -15.73 -16.08
CA ASP A 31 -2.84 -15.75 -16.87
C ASP A 31 -1.99 -14.52 -16.54
N VAL A 32 -0.93 -14.72 -15.77
CA VAL A 32 -0.25 -13.64 -15.05
C VAL A 32 1.27 -13.88 -15.01
N ALA A 33 2.03 -12.80 -14.86
CA ALA A 33 3.49 -12.87 -14.70
C ALA A 33 4.03 -11.73 -13.84
N LEU A 34 5.23 -11.91 -13.27
CA LEU A 34 5.76 -10.93 -12.33
C LEU A 34 7.23 -10.61 -12.50
N ASP A 35 7.52 -9.31 -12.57
CA ASP A 35 8.88 -8.80 -12.74
C ASP A 35 9.78 -9.05 -11.53
N GLU A 36 11.07 -8.73 -11.66
CA GLU A 36 12.04 -8.99 -10.61
C GLU A 36 11.93 -8.00 -9.42
N SER A 37 11.12 -6.95 -9.56
CA SER A 37 10.80 -6.07 -8.44
C SER A 37 9.69 -6.65 -7.53
N GLY A 38 8.91 -7.60 -8.05
CA GLY A 38 7.91 -8.35 -7.26
C GLY A 38 6.51 -8.17 -7.77
N ASP A 39 6.33 -7.31 -8.76
CA ASP A 39 5.02 -6.85 -9.13
C ASP A 39 4.51 -7.80 -10.15
N PHE A 40 3.47 -8.52 -9.77
CA PHE A 40 2.65 -9.25 -10.68
C PHE A 40 2.16 -8.29 -11.73
N SER A 41 1.71 -8.86 -12.84
CA SER A 41 1.29 -8.11 -14.02
C SER A 41 0.47 -9.11 -14.82
N LEU A 42 -0.51 -8.64 -15.57
CA LEU A 42 -1.50 -9.51 -16.22
C LEU A 42 -1.29 -9.70 -17.74
N VAL A 43 -2.00 -10.69 -18.31
CA VAL A 43 -2.31 -10.76 -19.76
C VAL A 43 -3.77 -11.20 -19.93
N LYS A 75 16.03 -9.78 21.00
CA LYS A 75 15.81 -8.97 22.21
C LYS A 75 14.31 -8.88 22.52
N GLY A 76 13.52 -8.44 21.55
CA GLY A 76 12.06 -8.35 21.69
C GLY A 76 11.38 -9.71 21.64
N GLU A 77 10.19 -9.80 22.24
CA GLU A 77 9.50 -11.07 22.46
C GLU A 77 8.69 -11.56 21.24
N THR A 78 8.60 -12.88 21.08
CA THR A 78 8.28 -13.51 19.79
C THR A 78 7.24 -14.61 19.89
N THR A 79 6.21 -14.41 20.72
CA THR A 79 5.22 -15.45 20.98
C THR A 79 4.41 -15.73 19.74
N ASP A 80 4.02 -16.98 19.54
CA ASP A 80 3.30 -17.36 18.33
C ASP A 80 1.95 -16.70 18.20
N GLY A 81 1.43 -16.70 16.98
CA GLY A 81 0.17 -16.09 16.64
C GLY A 81 0.36 -14.94 15.69
N VAL A 82 -0.77 -14.37 15.27
CA VAL A 82 -0.78 -13.30 14.28
C VAL A 82 -0.73 -11.93 14.93
N TYR A 83 0.13 -11.07 14.37
CA TYR A 83 0.35 -9.73 14.89
C TYR A 83 0.04 -8.68 13.83
N ARG A 84 -0.44 -7.51 14.29
CA ARG A 84 -0.64 -6.34 13.49
C ARG A 84 0.63 -5.55 13.57
N VAL A 85 0.89 -4.79 12.50
CA VAL A 85 2.10 -3.97 12.34
C VAL A 85 1.70 -2.51 12.33
N MET A 86 2.51 -1.67 12.96
CA MET A 86 2.15 -0.31 13.26
C MET A 86 3.34 0.60 13.06
N THR A 87 3.05 1.78 12.54
CA THR A 87 4.00 2.87 12.56
C THR A 87 3.37 3.96 13.37
N ARG A 88 4.19 4.93 13.73
CA ARG A 88 3.82 5.94 14.68
C ARG A 88 4.07 7.25 13.96
N GLY A 89 3.08 7.67 13.18
CA GLY A 89 3.21 8.85 12.33
C GLY A 89 2.36 10.03 12.76
N LEU A 90 2.13 10.96 11.84
CA LEU A 90 1.46 12.23 12.12
C LEU A 90 -0.03 12.10 12.45
N LEU A 91 -0.58 10.89 12.37
CA LEU A 91 -1.94 10.61 12.81
C LEU A 91 -1.92 9.58 13.95
N GLY A 92 -0.84 9.61 14.71
CA GLY A 92 -0.67 8.74 15.85
C GLY A 92 0.04 7.46 15.52
N SER A 93 -0.74 6.40 15.33
CA SER A 93 -0.23 5.04 15.25
C SER A 93 -1.21 4.28 14.43
N THR A 94 -0.75 3.68 13.32
CA THR A 94 -1.68 3.19 12.28
C THR A 94 -1.20 1.89 11.75
N GLN A 95 -2.12 1.07 11.24
CA GLN A 95 -1.72 -0.24 10.79
C GLN A 95 -1.11 -0.19 9.36
N VAL A 96 0.21 -0.16 9.26
CA VAL A 96 0.89 -0.38 7.97
C VAL A 96 0.60 -1.76 7.35
N GLY A 97 0.59 -2.81 8.18
CA GLY A 97 0.30 -4.17 7.72
C GLY A 97 0.11 -5.22 8.82
N VAL A 98 0.33 -6.46 8.46
CA VAL A 98 0.06 -7.62 9.30
C VAL A 98 1.17 -8.62 9.14
N GLY A 99 1.40 -9.45 10.16
CA GLY A 99 2.36 -10.54 10.05
C GLY A 99 2.08 -11.75 10.91
N VAL A 100 2.83 -12.81 10.63
CA VAL A 100 2.70 -14.10 11.29
C VAL A 100 4.00 -14.39 12.02
N MET A 101 3.89 -15.13 13.11
CA MET A 101 4.98 -15.24 14.08
C MET A 101 5.02 -16.68 14.47
N GLN A 102 6.20 -17.27 14.33
CA GLN A 102 6.32 -18.74 14.42
C GLN A 102 7.74 -19.19 14.60
N GLU A 103 7.92 -20.32 15.29
CA GLU A 103 9.25 -20.89 15.60
C GLU A 103 10.32 -19.81 15.75
N GLY A 104 10.01 -18.80 16.59
CA GLY A 104 10.98 -17.74 16.94
C GLY A 104 11.19 -16.58 15.97
N VAL A 105 10.43 -16.53 14.87
CA VAL A 105 10.71 -15.62 13.74
C VAL A 105 9.44 -15.00 13.14
N PHE A 106 9.51 -13.71 12.78
CA PHE A 106 8.39 -12.93 12.20
C PHE A 106 8.41 -12.81 10.68
N HIS A 107 7.29 -13.17 10.05
CA HIS A 107 7.14 -13.15 8.61
C HIS A 107 6.03 -12.17 8.21
N THR A 108 6.31 -11.36 7.18
CA THR A 108 5.34 -10.42 6.61
C THR A 108 5.82 -10.07 5.21
N MET A 109 5.02 -9.34 4.46
CA MET A 109 5.34 -8.88 3.14
C MET A 109 6.54 -7.99 3.20
N TRP A 110 7.26 -7.83 2.09
CA TRP A 110 8.47 -6.98 2.02
C TRP A 110 8.07 -5.52 1.81
N HIS A 111 7.09 -5.28 0.96
CA HIS A 111 6.62 -3.90 0.77
C HIS A 111 6.02 -3.24 2.02
N VAL A 112 5.64 -4.05 3.00
CA VAL A 112 5.06 -3.54 4.24
C VAL A 112 6.11 -2.82 5.08
N THR A 113 7.26 -3.46 5.24
CA THR A 113 8.39 -2.91 6.03
C THR A 113 9.59 -2.51 5.20
N LYS A 114 9.93 -3.34 4.21
CA LYS A 114 11.20 -3.28 3.47
C LYS A 114 12.35 -3.45 4.44
N GLY A 115 12.28 -4.53 5.21
CA GLY A 115 13.14 -4.74 6.41
C GLY A 115 13.28 -3.60 7.41
N SER A 116 12.29 -2.71 7.51
CA SER A 116 12.32 -1.71 8.59
C SER A 116 12.31 -2.45 9.94
N ALA A 117 13.06 -1.96 10.91
CA ALA A 117 13.11 -2.59 12.23
C ALA A 117 11.75 -2.45 12.93
N LEU A 118 11.43 -3.45 13.75
CA LEU A 118 10.15 -3.57 14.42
C LEU A 118 10.35 -3.75 15.90
N ARG A 119 9.92 -2.78 16.69
CA ARG A 119 9.85 -2.94 18.16
C ARG A 119 8.81 -3.99 18.54
N SER A 120 9.06 -4.74 19.61
CA SER A 120 8.07 -5.68 20.17
C SER A 120 8.36 -5.94 21.64
N GLY A 121 7.36 -5.64 22.49
CA GLY A 121 7.49 -5.73 23.92
C GLY A 121 8.57 -4.75 24.30
N GLU A 122 9.53 -5.17 25.12
CA GLU A 122 10.74 -4.37 25.34
C GLU A 122 11.88 -5.02 24.56
N GLY A 123 12.17 -4.47 23.38
CA GLY A 123 13.16 -5.05 22.47
C GLY A 123 12.80 -4.87 21.01
N ARG A 124 13.79 -5.12 20.15
CA ARG A 124 13.69 -4.93 18.71
C ARG A 124 13.82 -6.26 17.96
N LEU A 125 13.29 -6.28 16.76
CA LEU A 125 13.44 -7.43 15.87
C LEU A 125 14.09 -6.92 14.59
N ASP A 126 15.31 -7.40 14.34
CA ASP A 126 16.04 -7.05 13.14
C ASP A 126 15.73 -8.01 12.03
N PRO A 127 15.57 -7.48 10.81
CA PRO A 127 15.25 -8.32 9.69
C PRO A 127 16.42 -9.24 9.39
N TYR A 128 16.10 -10.49 9.11
CA TYR A 128 17.09 -11.53 8.91
C TYR A 128 17.24 -11.74 7.40
N TRP A 129 16.22 -12.32 6.75
CA TRP A 129 16.29 -12.71 5.34
C TRP A 129 15.27 -11.91 4.51
N GLY A 130 15.46 -11.84 3.19
CA GLY A 130 14.49 -11.19 2.30
C GLY A 130 14.60 -11.52 0.82
N ASP A 131 13.53 -11.19 0.08
CA ASP A 131 13.45 -11.41 -1.39
C ASP A 131 12.27 -10.65 -2.00
N VAL A 132 12.54 -9.45 -2.52
CA VAL A 132 11.47 -8.56 -3.01
C VAL A 132 10.64 -9.15 -4.13
N LYS A 133 11.22 -10.08 -4.90
CA LYS A 133 10.50 -10.77 -5.97
C LYS A 133 9.37 -11.62 -5.42
N GLN A 134 9.67 -12.44 -4.43
CA GLN A 134 8.64 -13.16 -3.68
C GLN A 134 7.77 -12.14 -2.95
N ASP A 135 8.49 -11.17 -2.38
CA ASP A 135 7.96 -10.02 -1.68
C ASP A 135 7.72 -10.43 -0.24
N LEU A 136 8.83 -10.76 0.40
CA LEU A 136 8.83 -11.36 1.73
C LEU A 136 10.01 -10.90 2.54
N VAL A 137 9.93 -11.14 3.83
CA VAL A 137 11.00 -10.77 4.74
C VAL A 137 10.81 -11.63 6.01
N SER A 138 11.90 -11.87 6.75
CA SER A 138 11.89 -12.65 7.98
C SER A 138 12.70 -11.87 8.99
N TYR A 139 12.34 -11.97 10.26
CA TYR A 139 13.09 -11.26 11.33
C TYR A 139 13.65 -12.21 12.40
N CYS A 140 14.86 -11.87 12.87
CA CYS A 140 15.66 -12.68 13.82
C CYS A 140 15.74 -14.21 13.56
N GLY A 141 15.57 -14.62 12.29
CA GLY A 141 15.89 -15.98 11.83
C GLY A 141 15.31 -16.19 10.43
N PRO A 142 15.72 -17.27 9.75
CA PRO A 142 15.26 -17.52 8.37
C PRO A 142 13.80 -17.92 8.30
N TRP A 143 13.29 -18.16 7.10
CA TRP A 143 11.86 -18.45 6.92
C TRP A 143 11.50 -19.79 7.50
N LYS A 144 10.27 -19.91 8.00
CA LYS A 144 9.87 -21.08 8.76
C LYS A 144 8.63 -21.78 8.27
N LEU A 145 7.77 -21.07 7.55
CA LEU A 145 6.47 -21.61 7.21
C LEU A 145 6.66 -22.38 5.94
N ASP A 146 6.32 -23.66 6.00
CA ASP A 146 6.59 -24.61 4.93
C ASP A 146 5.34 -25.20 4.34
N ALA A 147 4.18 -24.89 4.91
CA ALA A 147 2.94 -25.48 4.44
C ALA A 147 2.58 -24.80 3.13
N ALA A 148 2.07 -25.59 2.20
CA ALA A 148 1.94 -25.16 0.82
C ALA A 148 0.63 -25.62 0.25
N TRP A 149 0.25 -25.00 -0.86
CA TRP A 149 -1.09 -25.10 -1.43
C TRP A 149 -1.50 -26.55 -1.80
N ASP A 150 -2.49 -27.07 -1.09
CA ASP A 150 -3.17 -28.35 -1.38
C ASP A 150 -3.23 -28.65 -2.86
N GLY A 151 -3.76 -27.68 -3.61
CA GLY A 151 -3.98 -27.80 -5.03
C GLY A 151 -5.47 -27.81 -5.32
N HIS A 152 -6.28 -28.29 -4.38
CA HIS A 152 -7.70 -28.56 -4.64
C HIS A 152 -8.70 -28.20 -3.54
N SER A 153 -8.23 -27.76 -2.38
CA SER A 153 -9.04 -27.76 -1.14
C SER A 153 -9.31 -26.34 -0.63
N GLU A 154 -10.48 -26.10 -0.07
CA GLU A 154 -10.82 -24.74 0.39
C GLU A 154 -9.86 -24.28 1.52
N VAL A 155 -9.62 -22.97 1.56
CA VAL A 155 -8.67 -22.37 2.51
C VAL A 155 -9.38 -21.25 3.24
N GLN A 156 -8.79 -20.80 4.35
CA GLN A 156 -9.36 -19.69 5.12
C GLN A 156 -8.39 -18.54 5.19
N LEU A 157 -8.89 -17.35 4.90
CA LEU A 157 -8.11 -16.16 5.12
C LEU A 157 -8.44 -15.69 6.51
N LEU A 158 -7.37 -15.44 7.29
CA LEU A 158 -7.52 -14.81 8.58
C LEU A 158 -7.11 -13.40 8.32
N ALA A 159 -8.05 -12.61 7.81
CA ALA A 159 -7.80 -11.19 7.56
C ALA A 159 -7.90 -10.41 8.85
N VAL A 160 -6.86 -9.60 9.13
CA VAL A 160 -6.80 -8.69 10.28
C VAL A 160 -6.75 -7.22 9.82
N PRO A 161 -7.87 -6.72 9.28
CA PRO A 161 -7.84 -5.37 8.78
C PRO A 161 -7.71 -4.30 9.87
N PRO A 162 -7.20 -3.12 9.52
CA PRO A 162 -7.02 -1.97 10.44
C PRO A 162 -8.29 -1.63 11.20
N GLY A 163 -8.16 -1.24 12.47
CA GLY A 163 -9.27 -0.84 13.36
C GLY A 163 -10.52 -1.68 13.25
N GLU A 164 -10.35 -2.98 13.07
CA GLU A 164 -11.47 -3.86 12.82
C GLU A 164 -11.13 -5.20 13.46
N ARG A 165 -11.93 -6.21 13.20
CA ARG A 165 -11.96 -7.41 13.99
C ARG A 165 -11.48 -8.53 13.08
N ALA A 166 -10.35 -9.12 13.43
CA ALA A 166 -9.85 -10.24 12.68
C ALA A 166 -10.96 -11.27 12.41
N ARG A 167 -11.21 -11.53 11.12
CA ARG A 167 -12.21 -12.47 10.63
C ARG A 167 -11.52 -13.71 10.11
N ASN A 168 -12.26 -14.82 10.02
CA ASN A 168 -11.88 -15.99 9.19
C ASN A 168 -12.85 -16.15 8.04
N ILE A 169 -12.35 -16.15 6.82
CA ILE A 169 -13.26 -16.29 5.69
C ILE A 169 -12.71 -17.33 4.72
N GLN A 170 -13.59 -18.22 4.23
CA GLN A 170 -13.13 -19.28 3.32
C GLN A 170 -13.63 -19.13 1.91
N THR A 171 -12.84 -19.76 1.03
CA THR A 171 -12.97 -19.65 -0.40
C THR A 171 -12.19 -20.82 -0.99
N LEU A 172 -12.53 -21.18 -2.23
CA LEU A 172 -11.73 -22.12 -3.00
C LEU A 172 -10.85 -21.26 -3.90
N PRO A 173 -9.52 -21.35 -3.74
CA PRO A 173 -8.65 -20.53 -4.57
C PRO A 173 -8.74 -20.79 -6.09
N GLY A 174 -8.61 -19.71 -6.87
CA GLY A 174 -8.22 -19.82 -8.26
C GLY A 174 -6.72 -20.02 -8.29
N ILE A 175 -6.15 -20.05 -9.50
CA ILE A 175 -4.70 -19.99 -9.65
C ILE A 175 -4.36 -18.83 -10.53
N PHE A 176 -3.11 -18.40 -10.40
CA PHE A 176 -2.45 -17.64 -11.43
C PHE A 176 -1.59 -18.66 -12.19
N LYS A 177 -1.92 -18.90 -13.46
CA LYS A 177 -1.03 -19.68 -14.35
C LYS A 177 0.14 -18.78 -14.75
N THR A 178 1.35 -19.32 -14.68
CA THR A 178 2.58 -18.54 -14.94
C THR A 178 3.66 -19.34 -15.68
N LYS A 179 4.69 -18.61 -16.14
CA LYS A 179 5.91 -19.19 -16.73
C LYS A 179 6.42 -20.34 -15.87
N ASP A 180 6.66 -20.05 -14.60
CA ASP A 180 7.23 -20.99 -13.66
C ASP A 180 6.14 -21.76 -12.86
N GLY A 181 5.02 -22.10 -13.50
CA GLY A 181 4.01 -23.01 -12.92
C GLY A 181 2.91 -22.36 -12.10
N ASP A 182 1.86 -23.14 -11.83
CA ASP A 182 0.64 -22.66 -11.16
C ASP A 182 0.88 -22.13 -9.73
N ILE A 183 0.20 -21.02 -9.39
CA ILE A 183 0.34 -20.36 -8.07
C ILE A 183 -1.01 -19.90 -7.52
N GLY A 184 -1.43 -20.52 -6.42
CA GLY A 184 -2.76 -20.36 -5.86
C GLY A 184 -3.08 -18.94 -5.46
N ALA A 185 -4.33 -18.55 -5.64
CA ALA A 185 -4.75 -17.19 -5.34
C ALA A 185 -6.23 -17.11 -4.97
N VAL A 186 -6.56 -16.12 -4.13
CA VAL A 186 -7.89 -15.97 -3.56
C VAL A 186 -8.50 -14.63 -3.92
N ALA A 187 -9.81 -14.66 -4.18
CA ALA A 187 -10.57 -13.50 -4.63
C ALA A 187 -11.31 -12.89 -3.44
N LEU A 188 -10.53 -12.11 -2.65
CA LEU A 188 -10.99 -11.58 -1.38
C LEU A 188 -10.51 -10.11 -1.21
N ASP A 189 -11.45 -9.18 -1.32
CA ASP A 189 -11.13 -7.76 -1.41
C ASP A 189 -11.23 -7.08 -0.03
N TYR A 190 -10.06 -6.68 0.48
CA TYR A 190 -9.89 -6.22 1.83
C TYR A 190 -9.07 -4.94 1.85
N PRO A 191 -9.31 -4.07 2.86
CA PRO A 191 -8.63 -2.80 2.89
C PRO A 191 -7.11 -2.83 2.90
N ALA A 192 -6.57 -1.75 2.36
CA ALA A 192 -5.21 -1.42 2.56
C ALA A 192 -4.89 -1.57 4.01
N GLY A 193 -3.92 -2.42 4.30
CA GLY A 193 -3.30 -2.50 5.65
C GLY A 193 -3.41 -3.90 6.23
N THR A 194 -4.34 -4.66 5.68
CA THR A 194 -4.42 -6.09 5.90
C THR A 194 -3.27 -6.87 5.29
N SER A 195 -2.45 -6.26 4.45
CA SER A 195 -1.35 -7.00 3.85
C SER A 195 -0.48 -7.66 4.90
N GLY A 196 -0.07 -8.88 4.58
CA GLY A 196 0.75 -9.68 5.48
C GLY A 196 -0.01 -10.76 6.18
N SER A 197 -1.34 -10.75 6.06
CA SER A 197 -2.20 -11.55 6.93
C SER A 197 -2.28 -12.96 6.34
N PRO A 198 -2.33 -13.99 7.21
CA PRO A 198 -2.17 -15.38 6.79
C PRO A 198 -3.38 -16.04 6.20
N ILE A 199 -3.20 -16.70 5.05
CA ILE A 199 -4.17 -17.65 4.52
C ILE A 199 -3.69 -18.94 5.15
N LEU A 200 -4.55 -19.92 5.25
CA LEU A 200 -4.18 -21.13 5.97
C LEU A 200 -5.09 -22.28 5.63
N ASP A 201 -4.67 -23.49 5.99
CA ASP A 201 -5.38 -24.73 5.66
C ASP A 201 -6.23 -25.31 6.80
N LYS A 202 -7.02 -26.32 6.50
CA LYS A 202 -7.93 -26.90 7.45
C LYS A 202 -7.25 -27.35 8.70
N CYS A 203 -5.98 -27.62 8.66
CA CYS A 203 -5.25 -27.89 9.89
C CYS A 203 -4.49 -26.67 10.44
N GLY A 204 -5.01 -25.47 10.15
CA GLY A 204 -4.43 -24.20 10.63
C GLY A 204 -3.01 -23.87 10.18
N ARG A 205 -2.53 -24.56 9.15
CA ARG A 205 -1.11 -24.46 8.76
C ARG A 205 -1.03 -23.30 7.80
N VAL A 206 -0.20 -22.31 8.12
CA VAL A 206 -0.17 -21.10 7.33
C VAL A 206 0.42 -21.43 5.97
N ILE A 207 -0.47 -21.37 5.01
CA ILE A 207 -0.23 -21.81 3.68
C ILE A 207 0.43 -20.67 2.90
N GLY A 208 0.28 -19.44 3.41
CA GLY A 208 0.92 -18.26 2.82
C GLY A 208 0.14 -16.99 3.13
N LEU A 209 0.79 -15.84 2.99
CA LEU A 209 0.26 -14.51 3.36
C LEU A 209 -0.59 -13.85 2.27
N TYR A 210 -1.24 -12.74 2.63
CA TYR A 210 -2.15 -11.96 1.75
C TYR A 210 -1.51 -10.61 1.52
N GLY A 211 -1.71 -10.03 0.34
CA GLY A 211 -1.29 -8.66 0.06
C GLY A 211 -0.63 -8.32 -1.28
N ASN A 212 -0.14 -9.35 -1.99
CA ASN A 212 0.39 -9.20 -3.34
C ASN A 212 -0.55 -9.86 -4.33
N GLY A 213 -0.81 -9.17 -5.42
CA GLY A 213 -1.94 -9.54 -6.29
C GLY A 213 -2.11 -8.46 -7.33
N VAL A 214 -3.12 -8.60 -8.18
CA VAL A 214 -3.47 -7.59 -9.18
C VAL A 214 -4.99 -7.54 -9.26
N VAL A 215 -5.53 -6.48 -9.86
CA VAL A 215 -6.97 -6.34 -10.08
C VAL A 215 -7.41 -6.78 -11.46
N ILE A 216 -8.50 -7.55 -11.52
CA ILE A 216 -9.15 -7.86 -12.79
C ILE A 216 -9.74 -6.57 -13.35
N LYS A 217 -10.17 -6.63 -14.61
CA LYS A 217 -10.57 -5.43 -15.34
C LYS A 217 -11.58 -4.65 -14.51
N ASN A 218 -12.42 -5.43 -13.91
CA ASN A 218 -13.49 -5.02 -13.08
C ASN A 218 -13.11 -4.06 -11.99
N GLY A 219 -11.92 -4.18 -11.47
CA GLY A 219 -11.38 -3.38 -10.36
C GLY A 219 -11.08 -4.29 -9.16
N SER A 220 -11.86 -5.38 -9.04
CA SER A 220 -11.74 -6.36 -7.97
C SER A 220 -10.32 -6.75 -7.73
N TYR A 221 -9.92 -6.81 -6.47
CA TYR A 221 -8.61 -7.32 -6.10
C TYR A 221 -8.64 -8.84 -6.05
N VAL A 222 -7.47 -9.46 -6.27
CA VAL A 222 -7.26 -10.92 -6.20
C VAL A 222 -5.81 -11.12 -5.75
N SER A 223 -5.62 -11.91 -4.68
CA SER A 223 -4.36 -11.98 -3.94
C SER A 223 -3.67 -13.31 -4.16
N ALA A 224 -2.39 -13.26 -4.49
CA ALA A 224 -1.56 -14.44 -4.51
C ALA A 224 -1.20 -14.82 -3.10
N ILE A 225 -1.36 -16.10 -2.77
CA ILE A 225 -1.08 -16.62 -1.44
C ILE A 225 0.40 -17.02 -1.44
N THR A 226 1.28 -16.17 -0.87
CA THR A 226 2.73 -16.17 -1.18
C THR A 226 3.64 -16.79 -0.09
N GLN A 227 4.19 -17.98 -0.34
CA GLN A 227 5.29 -18.56 0.48
C GLN A 227 6.65 -18.16 -0.03
N MET B 4 -19.71 -4.54 -11.16
CA MET B 4 -19.82 -3.74 -12.42
C MET B 4 -18.56 -2.89 -12.64
N VAL B 5 -18.31 -1.93 -11.76
CA VAL B 5 -17.00 -1.21 -11.70
C VAL B 5 -16.62 -0.95 -10.24
N ASP B 6 -15.91 -1.88 -9.62
CA ASP B 6 -15.63 -1.83 -8.16
C ASP B 6 -15.28 -0.42 -7.63
N MET B 7 -14.31 0.24 -8.27
CA MET B 7 -13.74 1.49 -7.75
C MET B 7 -14.50 2.73 -8.17
N TYR B 8 -14.22 3.82 -7.46
CA TYR B 8 -14.77 5.13 -7.78
C TYR B 8 -14.05 6.19 -6.99
N ILE B 9 -14.32 7.46 -7.35
CA ILE B 9 -13.85 8.63 -6.60
C ILE B 9 -15.02 9.35 -5.92
N GLU B 10 -14.72 10.00 -4.80
CA GLU B 10 -15.61 10.97 -4.17
C GLU B 10 -14.71 12.10 -3.73
N ARG B 11 -15.16 13.34 -3.92
CA ARG B 11 -14.31 14.50 -3.71
C ARG B 11 -14.34 14.91 -2.25
N ALA B 12 -13.30 15.64 -1.83
CA ALA B 12 -13.14 16.06 -0.43
C ALA B 12 -12.70 17.51 -0.26
N GLY B 13 -13.14 18.40 -1.15
CA GLY B 13 -12.82 19.81 -1.10
C GLY B 13 -12.13 20.24 -2.37
N ASP B 14 -11.95 21.55 -2.49
CA ASP B 14 -11.18 22.15 -3.58
C ASP B 14 -9.83 22.43 -3.01
N ILE B 15 -8.85 22.57 -3.88
CA ILE B 15 -7.45 22.66 -3.47
C ILE B 15 -7.20 24.11 -3.14
N THR B 16 -6.58 24.33 -1.99
CA THR B 16 -6.35 25.66 -1.42
C THR B 16 -4.91 25.69 -0.91
N TRP B 17 -4.44 26.86 -0.49
CA TRP B 17 -3.32 26.94 0.41
C TRP B 17 -3.87 27.50 1.71
N GLU B 18 -3.86 26.70 2.77
CA GLU B 18 -4.04 27.24 4.12
C GLU B 18 -2.91 28.18 4.48
N LYS B 19 -3.21 29.47 4.48
CA LYS B 19 -2.27 30.48 4.91
C LYS B 19 -2.13 30.36 6.41
N ASP B 20 -0.88 30.41 6.88
CA ASP B 20 -0.56 30.23 8.29
C ASP B 20 -1.09 28.90 8.84
N ALA B 21 -0.76 27.82 8.13
CA ALA B 21 -1.03 26.46 8.60
C ALA B 21 0.17 26.03 9.45
N GLU B 22 0.19 24.77 9.84
CA GLU B 22 1.12 24.26 10.86
C GLU B 22 2.33 23.67 10.17
N VAL B 23 3.49 23.82 10.80
CA VAL B 23 4.77 23.47 10.19
C VAL B 23 5.54 22.48 11.04
N THR B 24 6.09 21.50 10.36
CA THR B 24 6.83 20.41 10.97
C THR B 24 7.47 19.64 9.81
N GLY B 25 8.67 19.10 10.02
CA GLY B 25 9.28 18.18 9.06
C GLY B 25 10.79 18.31 8.99
N ASN B 26 11.48 17.18 8.87
CA ASN B 26 12.94 17.15 9.00
C ASN B 26 13.74 17.74 7.83
N SER B 27 13.16 17.74 6.63
CA SER B 27 13.79 18.36 5.45
C SER B 27 15.20 17.83 5.06
N PRO B 28 15.43 16.50 5.16
CA PRO B 28 16.78 15.99 5.00
C PRO B 28 17.21 15.77 3.54
N ARG B 29 18.52 15.81 3.31
CA ARG B 29 19.07 15.56 1.99
C ARG B 29 19.73 14.19 1.99
N LEU B 30 19.29 13.32 1.07
CA LEU B 30 19.72 11.93 1.04
C LEU B 30 19.69 11.36 -0.37
N ASP B 31 20.63 10.44 -0.64
CA ASP B 31 20.87 9.96 -2.02
C ASP B 31 20.19 8.62 -2.31
N VAL B 32 19.52 8.55 -3.47
CA VAL B 32 18.48 7.57 -3.72
C VAL B 32 18.53 6.95 -5.13
N ALA B 33 18.54 5.61 -5.18
CA ALA B 33 18.38 4.84 -6.43
C ALA B 33 16.95 4.96 -6.99
N LEU B 34 16.65 4.23 -8.08
CA LEU B 34 15.27 4.16 -8.63
C LEU B 34 15.03 2.97 -9.58
N ASP B 35 14.36 1.93 -9.06
CA ASP B 35 13.99 0.73 -9.83
C ASP B 35 13.17 1.10 -11.09
N GLU B 36 13.09 0.17 -12.04
CA GLU B 36 12.24 0.33 -13.21
C GLU B 36 10.75 0.28 -12.86
N SER B 37 10.42 -0.30 -11.70
CA SER B 37 9.04 -0.36 -11.22
C SER B 37 8.57 0.90 -10.48
N GLY B 38 9.43 1.89 -10.25
CA GLY B 38 9.06 3.11 -9.53
C GLY B 38 9.41 3.11 -8.05
N ASP B 39 10.28 2.19 -7.64
CA ASP B 39 10.73 2.07 -6.27
C ASP B 39 11.96 2.92 -6.10
N PHE B 40 12.09 3.51 -4.93
CA PHE B 40 13.28 4.24 -4.57
C PHE B 40 14.08 3.33 -3.66
N SER B 41 15.38 3.59 -3.51
CA SER B 41 16.25 2.72 -2.71
C SER B 41 17.57 3.40 -2.26
N LEU B 42 18.20 2.85 -1.22
CA LEU B 42 19.33 3.47 -0.47
C LEU B 42 18.99 4.89 -0.01
N GLU B 77 -19.74 15.04 -12.66
CA GLU B 77 -18.39 14.50 -12.71
C GLU B 77 -17.33 15.59 -12.83
N THR B 78 -16.09 15.16 -12.66
CA THR B 78 -14.90 15.85 -13.20
C THR B 78 -14.75 17.36 -12.86
N THR B 79 -15.34 17.78 -11.73
CA THR B 79 -15.28 19.18 -11.29
C THR B 79 -13.97 19.40 -10.54
N ASP B 80 -13.25 20.46 -10.86
CA ASP B 80 -11.89 20.65 -10.35
C ASP B 80 -11.90 20.46 -8.83
N GLY B 81 -11.01 19.61 -8.33
CA GLY B 81 -10.99 19.33 -6.90
C GLY B 81 -10.20 18.09 -6.52
N VAL B 82 -10.00 17.94 -5.21
CA VAL B 82 -9.24 16.79 -4.67
C VAL B 82 -10.21 15.67 -4.26
N TYR B 83 -9.99 14.49 -4.85
CA TYR B 83 -10.86 13.35 -4.64
C TYR B 83 -10.15 12.22 -3.88
N ARG B 84 -10.95 11.31 -3.35
CA ARG B 84 -10.48 10.10 -2.68
C ARG B 84 -10.77 9.00 -3.65
N VAL B 85 -9.86 8.06 -3.79
CA VAL B 85 -10.16 6.90 -4.62
C VAL B 85 -10.64 5.87 -3.64
N MET B 86 -11.69 5.14 -4.00
CA MET B 86 -12.37 4.18 -3.10
C MET B 86 -12.58 2.84 -3.79
N THR B 87 -13.00 1.82 -3.03
CA THR B 87 -13.31 0.49 -3.58
C THR B 87 -14.42 -0.15 -2.82
N ARG B 88 -15.35 -0.79 -3.54
CA ARG B 88 -16.40 -1.59 -2.92
C ARG B 88 -15.80 -2.98 -2.74
N GLY B 89 -15.46 -3.31 -1.49
CA GLY B 89 -14.79 -4.55 -1.12
C GLY B 89 -15.64 -5.47 -0.27
N LEU B 90 -14.98 -6.31 0.52
CA LEU B 90 -15.61 -7.22 1.44
C LEU B 90 -16.09 -6.56 2.69
N LEU B 91 -15.43 -5.54 3.09
CA LEU B 91 -15.86 -4.84 4.25
C LEU B 91 -16.52 -3.64 3.68
N GLY B 92 -17.17 -3.83 2.54
CA GLY B 92 -17.75 -2.69 1.81
C GLY B 92 -16.73 -1.63 1.43
N SER B 93 -17.13 -0.37 1.53
CA SER B 93 -16.40 0.73 0.87
C SER B 93 -15.20 1.25 1.66
N THR B 94 -14.13 1.65 0.96
CA THR B 94 -12.81 1.90 1.58
C THR B 94 -11.76 2.54 0.67
N GLN B 95 -10.92 3.37 1.26
CA GLN B 95 -10.08 4.33 0.56
C GLN B 95 -8.75 3.75 0.18
N VAL B 96 -8.49 3.61 -1.11
CA VAL B 96 -7.24 3.00 -1.59
C VAL B 96 -6.18 4.04 -1.92
N GLY B 97 -6.60 5.22 -2.29
CA GLY B 97 -5.66 6.33 -2.39
C GLY B 97 -6.34 7.67 -2.54
N VAL B 98 -5.61 8.62 -3.12
CA VAL B 98 -6.07 10.00 -3.32
C VAL B 98 -5.65 10.42 -4.71
N GLY B 99 -6.53 11.16 -5.39
CA GLY B 99 -6.19 11.73 -6.69
C GLY B 99 -6.82 13.08 -6.85
N VAL B 100 -6.22 13.91 -7.71
CA VAL B 100 -6.67 15.29 -7.93
C VAL B 100 -7.23 15.48 -9.35
N MET B 101 -8.30 16.28 -9.46
CA MET B 101 -9.07 16.48 -10.69
C MET B 101 -8.84 17.89 -11.18
N GLN B 102 -8.40 18.02 -12.41
CA GLN B 102 -7.86 19.28 -12.93
C GLN B 102 -8.13 19.42 -14.41
N GLU B 103 -9.07 20.29 -14.75
CA GLU B 103 -9.36 20.65 -16.13
C GLU B 103 -9.77 19.40 -16.91
N GLY B 104 -10.79 18.71 -16.42
CA GLY B 104 -11.33 17.52 -17.09
C GLY B 104 -10.58 16.20 -16.86
N VAL B 105 -9.44 16.23 -16.16
CA VAL B 105 -8.50 15.09 -16.15
C VAL B 105 -8.06 14.67 -14.73
N PHE B 106 -8.29 13.39 -14.39
CA PHE B 106 -7.94 12.87 -13.06
C PHE B 106 -6.54 12.28 -12.98
N HIS B 107 -5.83 12.67 -11.93
CA HIS B 107 -4.41 12.38 -11.76
C HIS B 107 -4.15 11.64 -10.44
N THR B 108 -3.74 10.38 -10.53
CA THR B 108 -3.31 9.65 -9.33
C THR B 108 -2.01 8.83 -9.57
N MET B 109 -1.73 7.85 -8.70
CA MET B 109 -0.43 7.19 -8.66
C MET B 109 -0.57 5.74 -9.10
N TRP B 110 0.29 5.27 -10.02
CA TRP B 110 0.08 3.99 -10.75
C TRP B 110 -0.22 2.82 -9.81
N HIS B 111 0.52 2.73 -8.71
CA HIS B 111 0.29 1.64 -7.75
C HIS B 111 -1.07 1.64 -7.08
N VAL B 112 -1.78 2.77 -7.09
CA VAL B 112 -3.08 2.88 -6.42
C VAL B 112 -4.16 2.28 -7.26
N THR B 113 -4.17 2.58 -8.55
CA THR B 113 -5.25 2.09 -9.42
C THR B 113 -4.81 1.06 -10.44
N LYS B 114 -3.52 1.02 -10.78
CA LYS B 114 -3.06 0.31 -11.96
C LYS B 114 -4.10 0.44 -13.09
N GLY B 115 -4.36 1.68 -13.49
CA GLY B 115 -5.43 2.02 -14.44
C GLY B 115 -6.70 1.18 -14.41
N SER B 116 -7.30 0.99 -13.22
CA SER B 116 -8.63 0.38 -13.16
C SER B 116 -9.57 1.47 -13.55
N ALA B 117 -10.82 1.12 -13.79
CA ALA B 117 -11.86 2.07 -14.16
C ALA B 117 -12.47 2.70 -12.90
N LEU B 118 -12.56 4.03 -12.87
CA LEU B 118 -13.17 4.78 -11.77
C LEU B 118 -14.61 5.14 -12.14
N ARG B 119 -15.58 4.79 -11.31
CA ARG B 119 -16.99 5.17 -11.53
C ARG B 119 -17.31 6.58 -10.98
N SER B 120 -16.73 7.61 -11.61
CA SER B 120 -16.91 9.01 -11.19
C SER B 120 -18.30 9.58 -11.50
N GLY B 121 -19.04 9.97 -10.46
CA GLY B 121 -20.37 10.56 -10.62
C GLY B 121 -21.35 9.53 -11.15
N GLU B 122 -22.23 9.99 -12.04
CA GLU B 122 -23.23 9.11 -12.65
C GLU B 122 -22.69 8.31 -13.88
N GLY B 123 -21.43 8.50 -14.26
CA GLY B 123 -20.83 7.74 -15.37
C GLY B 123 -19.44 7.21 -15.03
N ARG B 124 -18.90 6.41 -15.94
CA ARG B 124 -17.56 5.83 -15.78
C ARG B 124 -16.47 6.85 -16.11
N LEU B 125 -15.21 6.47 -15.89
CA LEU B 125 -14.07 7.38 -16.08
C LEU B 125 -12.83 6.53 -16.38
N ASP B 126 -12.22 6.73 -17.56
CA ASP B 126 -11.30 5.71 -18.09
C ASP B 126 -9.87 6.21 -18.31
N PRO B 127 -8.89 5.29 -18.13
CA PRO B 127 -7.49 5.66 -18.25
C PRO B 127 -7.14 6.10 -19.66
N TYR B 128 -6.17 7.00 -19.72
CA TYR B 128 -5.67 7.58 -20.95
C TYR B 128 -4.17 7.22 -21.06
N TRP B 129 -3.38 7.65 -20.08
CA TRP B 129 -1.92 7.46 -20.06
C TRP B 129 -1.41 7.08 -18.66
N GLY B 130 -0.21 6.53 -18.58
CA GLY B 130 0.48 6.34 -17.29
C GLY B 130 1.80 5.59 -17.39
N ASP B 131 2.76 5.96 -16.53
CA ASP B 131 4.13 5.41 -16.53
C ASP B 131 4.48 4.87 -15.12
N VAL B 132 4.89 3.60 -15.04
CA VAL B 132 5.10 2.94 -13.74
C VAL B 132 6.33 3.40 -12.95
N LYS B 133 7.37 3.83 -13.64
CA LYS B 133 8.60 4.28 -13.00
C LYS B 133 8.38 5.64 -12.35
N GLN B 134 7.66 6.50 -13.07
CA GLN B 134 7.11 7.73 -12.52
C GLN B 134 6.04 7.41 -11.46
N ASP B 135 5.34 6.29 -11.67
CA ASP B 135 4.30 5.78 -10.77
C ASP B 135 3.13 6.74 -10.85
N LEU B 136 2.60 6.95 -12.04
CA LEU B 136 1.52 7.94 -12.28
C LEU B 136 0.55 7.48 -13.34
N VAL B 137 -0.67 8.03 -13.29
CA VAL B 137 -1.81 7.62 -14.15
C VAL B 137 -2.71 8.79 -14.46
N SER B 138 -3.32 8.75 -15.64
CA SER B 138 -4.19 9.82 -16.12
C SER B 138 -5.43 9.24 -16.73
N TYR B 139 -6.57 9.82 -16.33
CA TYR B 139 -7.87 9.40 -16.80
C TYR B 139 -8.40 10.49 -17.71
N CYS B 140 -9.06 10.09 -18.79
CA CYS B 140 -9.72 11.02 -19.72
C CYS B 140 -8.83 11.96 -20.57
N GLY B 141 -7.66 12.37 -20.08
CA GLY B 141 -6.68 13.13 -20.86
C GLY B 141 -5.24 12.86 -20.45
N PRO B 142 -4.28 13.64 -20.99
CA PRO B 142 -2.88 13.58 -20.55
C PRO B 142 -2.62 14.32 -19.24
N TRP B 143 -1.39 14.23 -18.75
CA TRP B 143 -1.00 14.86 -17.49
C TRP B 143 -1.08 16.39 -17.57
N LYS B 144 -1.87 16.99 -16.68
CA LYS B 144 -2.23 18.43 -16.76
C LYS B 144 -1.46 19.28 -15.76
N LEU B 145 -0.70 18.65 -14.86
CA LEU B 145 -0.10 19.32 -13.73
C LEU B 145 1.32 19.67 -14.07
N ASP B 146 1.62 20.96 -14.09
CA ASP B 146 2.88 21.50 -14.62
C ASP B 146 3.86 22.03 -13.59
N ALA B 147 3.35 22.69 -12.53
CA ALA B 147 4.23 23.43 -11.61
C ALA B 147 5.30 22.54 -10.97
N ALA B 148 6.38 23.15 -10.50
CA ALA B 148 7.55 22.41 -10.02
C ALA B 148 8.12 23.01 -8.75
N TRP B 149 8.79 22.18 -7.96
CA TRP B 149 9.36 22.65 -6.70
C TRP B 149 10.63 23.44 -7.01
N ASP B 150 10.69 24.62 -6.40
CA ASP B 150 11.67 25.64 -6.77
C ASP B 150 13.07 25.27 -6.28
N GLY B 151 13.13 24.48 -5.21
CA GLY B 151 14.35 24.28 -4.45
C GLY B 151 14.50 25.41 -3.45
N HIS B 152 13.44 26.22 -3.31
CA HIS B 152 13.43 27.41 -2.45
C HIS B 152 12.16 27.35 -1.61
N SER B 153 11.01 27.32 -2.27
CA SER B 153 9.73 27.32 -1.59
C SER B 153 9.63 26.17 -0.59
N GLU B 154 9.09 26.52 0.58
CA GLU B 154 8.58 25.56 1.52
C GLU B 154 7.18 25.18 1.03
N VAL B 155 6.92 23.88 0.99
CA VAL B 155 5.75 23.31 0.30
C VAL B 155 4.64 22.98 1.28
N GLN B 156 3.50 22.57 0.75
CA GLN B 156 2.34 22.24 1.57
C GLN B 156 1.67 20.96 1.07
N LEU B 157 1.61 19.96 1.95
CA LEU B 157 0.93 18.70 1.67
C LEU B 157 -0.51 18.86 2.04
N LEU B 158 -1.40 18.68 1.06
CA LEU B 158 -2.81 18.54 1.32
C LEU B 158 -3.06 17.05 1.48
N ALA B 159 -2.86 16.56 2.70
CA ALA B 159 -3.16 15.16 3.00
C ALA B 159 -4.66 14.93 3.15
N VAL B 160 -5.14 13.81 2.59
CA VAL B 160 -6.53 13.39 2.68
C VAL B 160 -6.59 11.92 3.17
N PRO B 161 -6.29 11.67 4.45
CA PRO B 161 -6.23 10.29 4.94
C PRO B 161 -7.60 9.65 5.13
N PRO B 162 -7.67 8.30 5.11
CA PRO B 162 -8.94 7.55 5.17
C PRO B 162 -9.79 7.82 6.41
N GLY B 163 -11.11 7.81 6.27
CA GLY B 163 -12.01 8.19 7.37
C GLY B 163 -11.75 9.55 8.04
N GLU B 164 -10.81 10.36 7.51
CA GLU B 164 -10.41 11.64 8.11
C GLU B 164 -10.55 12.79 7.11
N ARG B 165 -10.64 14.02 7.63
CA ARG B 165 -10.83 15.21 6.80
C ARG B 165 -9.51 15.66 6.19
N ALA B 166 -9.62 16.27 5.01
CA ALA B 166 -8.55 17.03 4.36
C ALA B 166 -7.83 17.96 5.32
N ARG B 167 -6.51 17.84 5.33
CA ARG B 167 -5.64 18.64 6.18
C ARG B 167 -4.59 19.22 5.27
N ASN B 168 -4.21 20.47 5.51
CA ASN B 168 -3.03 21.05 4.89
C ASN B 168 -1.92 21.04 5.93
N ILE B 169 -0.68 21.05 5.47
CA ILE B 169 0.44 21.10 6.38
C ILE B 169 1.71 21.47 5.64
N GLN B 170 2.48 22.39 6.22
CA GLN B 170 3.66 22.94 5.58
C GLN B 170 4.85 22.14 6.04
N THR B 171 5.92 22.22 5.26
CA THR B 171 7.21 21.64 5.63
C THR B 171 8.28 22.18 4.69
N LEU B 172 9.51 22.23 5.17
CA LEU B 172 10.63 22.43 4.27
C LEU B 172 10.86 21.04 3.70
N PRO B 173 10.71 20.86 2.38
CA PRO B 173 11.04 19.54 1.87
C PRO B 173 12.55 19.32 1.81
N GLY B 174 12.95 18.07 2.02
CA GLY B 174 14.32 17.64 1.79
C GLY B 174 14.53 17.23 0.35
N ILE B 175 15.52 16.37 0.10
CA ILE B 175 15.86 16.00 -1.26
C ILE B 175 16.30 14.55 -1.47
N PHE B 176 15.99 14.03 -2.66
CA PHE B 176 16.36 12.70 -3.12
C PHE B 176 17.47 12.83 -4.16
N LYS B 177 18.72 12.89 -3.71
CA LYS B 177 19.85 12.99 -4.66
C LYS B 177 19.96 11.73 -5.53
N THR B 178 19.37 11.78 -6.72
CA THR B 178 19.52 10.68 -7.70
C THR B 178 20.66 10.98 -8.66
N LYS B 179 21.06 9.95 -9.42
CA LYS B 179 22.12 10.07 -10.43
C LYS B 179 21.77 11.07 -11.55
N ASP B 180 20.49 11.12 -11.93
CA ASP B 180 19.99 12.04 -12.94
C ASP B 180 18.86 12.89 -12.35
N GLY B 181 19.16 14.16 -12.10
CA GLY B 181 18.23 15.07 -11.45
C GLY B 181 18.21 14.87 -9.95
N ASP B 182 17.55 15.79 -9.26
CA ASP B 182 17.31 15.72 -7.81
C ASP B 182 15.83 16.01 -7.56
N ILE B 183 15.20 15.22 -6.67
CA ILE B 183 13.74 15.30 -6.42
C ILE B 183 13.43 15.82 -5.02
N GLY B 184 12.52 16.80 -4.94
CA GLY B 184 12.08 17.37 -3.66
C GLY B 184 11.37 16.33 -2.82
N ALA B 185 11.58 16.37 -1.52
CA ALA B 185 11.19 15.27 -0.65
C ALA B 185 10.49 15.76 0.60
N VAL B 186 9.38 15.13 0.97
CA VAL B 186 8.57 15.57 2.13
C VAL B 186 8.62 14.53 3.24
N ALA B 187 9.26 14.90 4.36
CA ALA B 187 9.39 14.03 5.54
C ALA B 187 8.12 14.05 6.36
N LEU B 188 7.12 13.25 5.95
CA LEU B 188 5.79 13.28 6.54
C LEU B 188 5.11 11.92 6.54
N ASP B 189 4.94 11.37 7.74
CA ASP B 189 4.39 10.02 7.94
C ASP B 189 2.87 10.07 8.12
N TYR B 190 2.18 9.67 7.06
CA TYR B 190 0.75 9.59 7.02
C TYR B 190 0.40 8.15 6.73
N PRO B 191 -0.87 7.78 6.90
CA PRO B 191 -1.21 6.37 6.77
C PRO B 191 -1.60 5.94 5.38
N ALA B 192 -1.65 4.63 5.24
CA ALA B 192 -1.96 3.99 3.98
C ALA B 192 -3.30 4.44 3.46
N GLY B 193 -3.32 4.87 2.21
CA GLY B 193 -4.54 5.30 1.52
C GLY B 193 -4.53 6.80 1.31
N THR B 194 -3.50 7.45 1.82
CA THR B 194 -3.20 8.82 1.54
C THR B 194 -2.45 8.95 0.20
N SER B 195 -1.81 7.86 -0.24
CA SER B 195 -0.97 7.86 -1.44
C SER B 195 -1.67 8.50 -2.64
N GLY B 196 -1.03 9.54 -3.22
CA GLY B 196 -1.60 10.37 -4.28
C GLY B 196 -2.22 11.71 -3.85
N SER B 197 -2.00 12.11 -2.60
CA SER B 197 -2.39 13.43 -2.10
C SER B 197 -1.47 14.48 -2.70
N PRO B 198 -2.01 15.64 -3.11
CA PRO B 198 -1.22 16.64 -3.78
C PRO B 198 -0.33 17.45 -2.87
N ILE B 199 0.91 17.68 -3.33
CA ILE B 199 1.84 18.58 -2.69
C ILE B 199 1.76 19.91 -3.43
N LEU B 200 1.91 21.01 -2.68
CA LEU B 200 1.55 22.35 -3.18
C LEU B 200 2.62 23.43 -3.08
N ASP B 201 2.42 24.46 -3.89
CA ASP B 201 3.24 25.66 -3.95
C ASP B 201 2.45 26.80 -3.35
N LYS B 202 3.13 27.81 -2.82
CA LYS B 202 2.47 29.01 -2.23
C LYS B 202 1.34 29.57 -3.10
N CYS B 203 1.50 29.44 -4.42
CA CYS B 203 0.46 29.75 -5.40
C CYS B 203 -0.90 29.07 -5.19
N GLY B 204 -0.89 27.88 -4.62
CA GLY B 204 -2.03 26.97 -4.65
C GLY B 204 -1.88 25.90 -5.71
N ARG B 205 -0.73 25.89 -6.42
CA ARG B 205 -0.50 24.96 -7.54
C ARG B 205 -0.10 23.59 -7.02
N VAL B 206 -0.47 22.53 -7.75
CA VAL B 206 -0.09 21.16 -7.40
C VAL B 206 1.24 20.83 -8.05
N ILE B 207 2.27 20.61 -7.24
CA ILE B 207 3.62 20.42 -7.73
C ILE B 207 4.12 18.97 -7.61
N GLY B 208 3.19 18.00 -7.58
CA GLY B 208 3.54 16.58 -7.41
C GLY B 208 2.71 15.88 -6.36
N LEU B 209 2.87 14.55 -6.27
CA LEU B 209 2.01 13.70 -5.41
C LEU B 209 2.71 12.87 -4.32
N TYR B 210 1.98 12.68 -3.22
CA TYR B 210 2.46 12.02 -2.00
C TYR B 210 2.35 10.54 -2.14
N GLY B 211 3.24 9.83 -1.46
CA GLY B 211 3.09 8.39 -1.24
C GLY B 211 3.86 7.49 -2.19
N ASN B 212 5.02 7.95 -2.63
CA ASN B 212 6.02 7.09 -3.25
C ASN B 212 7.32 7.55 -2.63
N GLY B 213 8.02 6.64 -1.97
CA GLY B 213 9.18 7.07 -1.21
C GLY B 213 10.01 5.95 -0.65
N VAL B 214 10.48 6.16 0.58
CA VAL B 214 11.27 5.18 1.32
C VAL B 214 11.16 5.47 2.85
N VAL B 215 11.66 4.57 3.68
CA VAL B 215 11.74 4.78 5.12
C VAL B 215 13.19 4.89 5.59
N ILE B 216 13.42 5.66 6.65
CA ILE B 216 14.75 5.76 7.24
C ILE B 216 14.88 4.59 8.22
N LYS B 217 16.12 4.30 8.62
CA LYS B 217 16.41 3.36 9.71
C LYS B 217 15.46 3.44 10.93
N ASN B 218 15.09 4.64 11.36
CA ASN B 218 14.19 4.80 12.50
C ASN B 218 12.75 4.31 12.24
N GLY B 219 12.41 4.14 10.96
CA GLY B 219 11.08 3.70 10.56
C GLY B 219 10.27 4.84 10.00
N SER B 220 10.54 6.06 10.45
CA SER B 220 10.03 7.30 9.84
C SER B 220 9.88 7.22 8.34
N TYR B 221 8.72 7.63 7.84
CA TYR B 221 8.44 7.64 6.41
C TYR B 221 8.89 8.94 5.77
N VAL B 222 9.23 8.86 4.48
CA VAL B 222 9.57 10.06 3.69
C VAL B 222 9.23 9.85 2.22
N SER B 223 8.51 10.81 1.65
CA SER B 223 7.90 10.70 0.33
C SER B 223 8.57 11.64 -0.67
N ALA B 224 8.55 11.20 -1.93
CA ALA B 224 8.99 12.01 -3.06
C ALA B 224 7.86 12.92 -3.51
N ILE B 225 8.25 14.09 -4.01
CA ILE B 225 7.33 14.99 -4.69
C ILE B 225 7.28 14.47 -6.12
N THR B 226 6.46 13.46 -6.38
CA THR B 226 6.48 12.81 -7.70
C THR B 226 5.67 13.61 -8.72
N GLN B 227 6.34 14.10 -9.77
CA GLN B 227 5.68 14.89 -10.84
C GLN B 227 5.87 14.31 -12.22
#